data_9HCR
#
_entry.id   9HCR
#
_cell.length_a   51.963
_cell.length_b   51.963
_cell.length_c   146.985
_cell.angle_alpha   90.00
_cell.angle_beta   90.00
_cell.angle_gamma   90.00
#
_symmetry.space_group_name_H-M   'P 41 21 2'
#
loop_
_entity.id
_entity.type
_entity.pdbx_description
1 polymer 'Telomeric repeat-binding factor 1'
2 non-polymer 5-methyl-2-phenyl-2,4-dihydro-3H-pyrazol-3-one
3 non-polymer 1,2-ETHANEDIOL
4 non-polymer 'DIMETHYL SULFOXIDE'
5 non-polymer 'CALCIUM ION'
6 water water
#
_entity_poly.entity_id   1
_entity_poly.type   'polypeptide(L)'
_entity_poly.pdbx_seq_one_letter_code
;SNAQVQVGAPEEEEEEEEDAGLVAEAEAVAAGWMLDFLCLSLCRAFRDGRSEDFRRTRNSAEAIIHGLSSLTACQLRTIY
ICQFLTRIAAGKTLDAQFENDERITPLESALMIWGSIEKEHDKLHEEIQNLIKIQAIAVCMENGNFKEAEEVFERIFGDP
NSHMPFKSKLLMIISQKDTFHSFFQHFSYNHMMEKIKSYVNYVLSEKSSTFLMKAAAKVVESKR
;
_entity_poly.pdbx_strand_id   A
#
loop_
_chem_comp.id
_chem_comp.type
_chem_comp.name
_chem_comp.formula
CA non-polymer 'CALCIUM ION' 'Ca 2'
DMS non-polymer 'DIMETHYL SULFOXIDE' 'C2 H6 O S'
EDO non-polymer 1,2-ETHANEDIOL 'C2 H6 O2'
W1P non-polymer 5-methyl-2-phenyl-2,4-dihydro-3H-pyrazol-3-one 'C10 H10 N2 O'
#
# COMPACT_ATOMS: atom_id res chain seq x y z
N GLU A 16 17.26 22.80 32.28
CA GLU A 16 17.95 22.32 31.10
C GLU A 16 17.34 21.00 30.63
N GLU A 17 17.10 20.06 31.56
CA GLU A 17 16.49 18.77 31.23
C GLU A 17 15.00 18.93 30.92
N GLU A 18 14.33 19.88 31.63
CA GLU A 18 12.92 20.19 31.44
C GLU A 18 12.69 20.80 30.05
N ASP A 19 13.61 21.68 29.61
CA ASP A 19 13.54 22.31 28.31
C ASP A 19 13.77 21.27 27.21
N ALA A 20 14.80 20.42 27.39
CA ALA A 20 15.10 19.33 26.46
C ALA A 20 13.91 18.40 26.29
N GLY A 21 13.21 18.11 27.39
CA GLY A 21 12.03 17.25 27.39
C GLY A 21 10.87 17.86 26.62
N LEU A 22 10.62 19.15 26.82
CA LEU A 22 9.54 19.87 26.16
C LEU A 22 9.79 19.95 24.67
N VAL A 23 11.06 20.20 24.27
CA VAL A 23 11.48 20.25 22.88
C VAL A 23 11.25 18.91 22.20
N ALA A 24 11.64 17.80 22.85
CA ALA A 24 11.44 16.45 22.31
C ALA A 24 9.97 16.14 22.13
N GLU A 25 9.11 16.62 23.06
CA GLU A 25 7.67 16.38 22.92
C GLU A 25 7.14 17.16 21.72
N ALA A 26 7.60 18.40 21.53
CA ALA A 26 7.18 19.23 20.39
C ALA A 26 7.64 18.61 19.07
N GLU A 27 8.87 18.05 19.03
CA GLU A 27 9.34 17.37 17.82
C GLU A 27 8.47 16.15 17.52
N ALA A 28 7.98 15.44 18.55
CA ALA A 28 7.10 14.29 18.33
C ALA A 28 5.74 14.73 17.75
N VAL A 29 5.20 15.85 18.24
CA VAL A 29 3.93 16.40 17.70
C VAL A 29 4.11 16.77 16.24
N ALA A 30 5.18 17.50 15.92
CA ALA A 30 5.45 17.92 14.54
C ALA A 30 5.66 16.70 13.61
N ALA A 31 6.39 15.66 14.09
CA ALA A 31 6.60 14.46 13.25
C ALA A 31 5.28 13.76 12.93
N GLY A 32 4.35 13.74 13.89
CA GLY A 32 3.02 13.19 13.66
C GLY A 32 2.25 13.96 12.60
N TRP A 33 2.35 15.29 12.64
CA TRP A 33 1.69 16.13 11.62
C TRP A 33 2.32 15.89 10.23
N MET A 34 3.65 15.75 10.19
CA MET A 34 4.35 15.49 8.92
C MET A 34 3.97 14.11 8.35
N LEU A 35 3.83 13.11 9.20
CA LEU A 35 3.44 11.76 8.76
C LEU A 35 2.06 11.78 8.06
N ASP A 36 1.06 12.46 8.66
CA ASP A 36 -0.29 12.53 8.07
C ASP A 36 -0.27 13.26 6.73
N PHE A 37 0.50 14.37 6.67
CA PHE A 37 0.61 15.14 5.45
C PHE A 37 1.27 14.28 4.34
N LEU A 38 2.37 13.60 4.65
CA LEU A 38 3.09 12.78 3.68
C LEU A 38 2.23 11.60 3.21
N CYS A 39 1.43 11.04 4.11
CA CYS A 39 0.50 9.96 3.73
C CYS A 39 -0.52 10.47 2.72
N LEU A 40 -1.13 11.64 2.98
CA LEU A 40 -2.07 12.29 2.07
C LEU A 40 -1.41 12.55 0.69
N SER A 41 -0.16 13.05 0.69
CA SER A 41 0.55 13.33 -0.56
CA SER A 41 0.54 13.34 -0.55
C SER A 41 0.84 12.05 -1.34
N LEU A 42 1.21 10.97 -0.61
CA LEU A 42 1.51 9.65 -1.19
C LEU A 42 0.23 9.07 -1.82
N CYS A 43 -0.91 9.17 -1.11
CA CYS A 43 -2.21 8.71 -1.61
C CYS A 43 -2.58 9.42 -2.89
N ARG A 44 -2.41 10.75 -2.90
CA ARG A 44 -2.76 11.56 -4.06
C ARG A 44 -1.89 11.21 -5.26
N ALA A 45 -0.57 11.00 -5.04
CA ALA A 45 0.34 10.66 -6.14
C ALA A 45 -0.02 9.28 -6.72
N PHE A 46 -0.34 8.31 -5.85
CA PHE A 46 -0.80 6.99 -6.25
C PHE A 46 -2.09 7.11 -7.07
N ARG A 47 -3.10 7.82 -6.56
CA ARG A 47 -4.37 7.99 -7.28
C ARG A 47 -4.15 8.63 -8.67
N ASP A 48 -3.31 9.66 -8.73
CA ASP A 48 -3.03 10.37 -9.98
C ASP A 48 -2.09 9.65 -10.93
N GLY A 49 -1.38 8.65 -10.45
CA GLY A 49 -0.38 7.97 -11.27
C GLY A 49 0.89 8.81 -11.47
N ARG A 50 1.18 9.68 -10.51
CA ARG A 50 2.38 10.53 -10.58
C ARG A 50 3.50 9.70 -9.97
N SER A 51 4.10 8.83 -10.79
CA SER A 51 5.14 7.89 -10.38
CA SER A 51 5.14 7.88 -10.37
C SER A 51 6.36 8.50 -9.66
N GLU A 52 6.91 9.58 -10.20
CA GLU A 52 8.10 10.21 -9.62
C GLU A 52 7.79 10.93 -8.32
N ASP A 53 6.64 11.62 -8.25
CA ASP A 53 6.22 12.25 -7.00
C ASP A 53 5.95 11.18 -5.94
N PHE A 54 5.41 10.01 -6.34
CA PHE A 54 5.16 8.93 -5.38
C PHE A 54 6.49 8.44 -4.80
N ARG A 55 7.49 8.23 -5.67
CA ARG A 55 8.81 7.78 -5.25
C ARG A 55 9.44 8.77 -4.25
N ARG A 56 9.45 10.07 -4.59
CA ARG A 56 10.06 11.07 -3.72
C ARG A 56 9.28 11.20 -2.39
N THR A 57 7.95 11.18 -2.44
CA THR A 57 7.12 11.26 -1.23
C THR A 57 7.33 10.04 -0.32
N ARG A 58 7.51 8.87 -0.93
N ARG A 58 7.51 8.87 -0.93
CA ARG A 58 7.75 7.63 -0.18
CA ARG A 58 7.74 7.62 -0.20
C ARG A 58 9.06 7.73 0.60
C ARG A 58 9.05 7.73 0.59
N ASN A 59 10.10 8.28 -0.05
CA ASN A 59 11.42 8.45 0.57
C ASN A 59 11.30 9.36 1.81
N SER A 60 10.50 10.44 1.67
CA SER A 60 10.29 11.39 2.78
C SER A 60 9.49 10.73 3.92
N ALA A 61 8.45 9.96 3.59
CA ALA A 61 7.65 9.28 4.59
C ALA A 61 8.50 8.29 5.37
N GLU A 62 9.35 7.51 4.67
N GLU A 62 9.34 7.52 4.67
CA GLU A 62 10.22 6.53 5.32
CA GLU A 62 10.21 6.54 5.31
C GLU A 62 11.13 7.20 6.35
C GLU A 62 11.16 7.18 6.31
N ALA A 63 11.77 8.31 5.95
CA ALA A 63 12.68 9.01 6.84
C ALA A 63 11.93 9.57 8.08
N ILE A 64 10.77 10.20 7.89
CA ILE A 64 10.00 10.74 9.02
C ILE A 64 9.59 9.61 9.99
N ILE A 65 9.22 8.44 9.45
CA ILE A 65 8.81 7.30 10.28
C ILE A 65 9.97 6.82 11.17
N HIS A 66 11.21 6.81 10.66
CA HIS A 66 12.37 6.41 11.49
C HIS A 66 12.69 7.37 12.64
N GLY A 67 12.15 8.59 12.58
CA GLY A 67 12.33 9.57 13.64
C GLY A 67 11.19 9.56 14.66
N LEU A 68 10.21 8.67 14.49
CA LEU A 68 9.07 8.52 15.40
C LEU A 68 9.27 7.27 16.22
N SER A 69 9.07 7.31 17.54
CA SER A 69 9.18 6.09 18.35
C SER A 69 7.80 5.55 18.75
N SER A 70 7.11 6.19 19.72
CA SER A 70 5.80 5.76 20.18
C SER A 70 4.72 6.14 19.18
N LEU A 71 3.88 5.18 18.81
CA LEU A 71 2.84 5.44 17.83
C LEU A 71 1.46 5.19 18.41
N THR A 72 0.49 6.04 18.07
CA THR A 72 -0.90 5.79 18.45
C THR A 72 -1.46 4.74 17.46
N ALA A 73 -2.66 4.17 17.73
CA ALA A 73 -3.29 3.23 16.80
C ALA A 73 -3.53 3.93 15.45
N CYS A 74 -3.94 5.21 15.48
CA CYS A 74 -4.15 5.99 14.24
CA CYS A 74 -4.17 5.96 14.24
C CYS A 74 -2.87 6.07 13.41
N GLN A 75 -1.72 6.37 14.06
CA GLN A 75 -0.43 6.50 13.37
C GLN A 75 0.06 5.17 12.79
N LEU A 76 -0.20 4.04 13.48
CA LEU A 76 0.18 2.72 12.96
C LEU A 76 -0.64 2.44 11.68
N ARG A 77 -1.93 2.78 11.70
CA ARG A 77 -2.78 2.60 10.52
C ARG A 77 -2.27 3.45 9.35
N THR A 78 -1.88 4.70 9.63
CA THR A 78 -1.33 5.59 8.61
C THR A 78 -0.05 4.98 7.99
N ILE A 79 0.85 4.45 8.83
CA ILE A 79 2.07 3.83 8.34
C ILE A 79 1.75 2.60 7.49
N TYR A 80 0.79 1.78 7.95
CA TYR A 80 0.39 0.59 7.19
C TYR A 80 -0.14 0.98 5.82
N ILE A 81 -0.93 2.06 5.72
CA ILE A 81 -1.45 2.52 4.42
C ILE A 81 -0.28 2.90 3.51
N CYS A 82 0.73 3.62 4.03
CA CYS A 82 1.90 4.00 3.21
C CYS A 82 2.64 2.74 2.74
N GLN A 83 2.86 1.80 3.63
CA GLN A 83 3.59 0.57 3.29
C GLN A 83 2.79 -0.26 2.26
N PHE A 84 1.46 -0.34 2.43
CA PHE A 84 0.60 -1.08 1.51
C PHE A 84 0.70 -0.50 0.08
N LEU A 85 0.56 0.84 -0.07
CA LEU A 85 0.68 1.45 -1.40
C LEU A 85 2.06 1.26 -2.02
N THR A 86 3.11 1.28 -1.20
CA THR A 86 4.49 1.07 -1.69
C THR A 86 4.65 -0.31 -2.30
N ARG A 87 4.11 -1.34 -1.62
CA ARG A 87 4.19 -2.72 -2.13
C ARG A 87 3.33 -2.92 -3.36
N ILE A 88 2.14 -2.29 -3.39
CA ILE A 88 1.28 -2.33 -4.58
C ILE A 88 2.00 -1.66 -5.76
N ALA A 89 2.63 -0.50 -5.53
CA ALA A 89 3.39 0.19 -6.61
C ALA A 89 4.54 -0.71 -7.14
N ALA A 90 5.15 -1.51 -6.25
CA ALA A 90 6.22 -2.44 -6.61
C ALA A 90 5.71 -3.87 -6.95
N GLY A 91 4.41 -4.05 -7.15
CA GLY A 91 3.80 -5.36 -7.38
C GLY A 91 4.41 -6.18 -8.49
N LYS A 92 4.89 -5.53 -9.55
CA LYS A 92 5.55 -6.23 -10.66
C LYS A 92 7.09 -6.33 -10.52
N THR A 93 7.66 -5.75 -9.46
CA THR A 93 9.11 -5.78 -9.26
C THR A 93 9.42 -7.01 -8.45
N LEU A 94 9.53 -8.19 -9.10
CA LEU A 94 9.77 -9.44 -8.39
C LEU A 94 11.15 -9.55 -7.72
N ASP A 95 12.10 -8.64 -8.02
CA ASP A 95 13.39 -8.64 -7.32
C ASP A 95 13.36 -7.83 -6.01
N ALA A 96 12.26 -7.10 -5.73
CA ALA A 96 12.15 -6.31 -4.50
C ALA A 96 11.83 -7.20 -3.31
N GLN A 97 12.60 -7.07 -2.22
CA GLN A 97 12.41 -7.87 -1.01
C GLN A 97 11.89 -6.99 0.12
N PHE A 98 10.59 -7.07 0.41
CA PHE A 98 10.00 -6.26 1.47
C PHE A 98 9.99 -6.97 2.83
N GLU A 99 10.24 -8.29 2.89
CA GLU A 99 10.22 -9.00 4.17
C GLU A 99 11.58 -9.61 4.50
N ASN A 100 11.83 -9.93 5.80
CA ASN A 100 13.07 -10.61 6.18
C ASN A 100 13.16 -11.98 5.48
N ASP A 101 12.01 -12.63 5.26
CA ASP A 101 11.97 -13.88 4.51
C ASP A 101 11.97 -13.45 3.05
N GLU A 102 13.09 -13.69 2.37
CA GLU A 102 13.33 -13.30 0.97
C GLU A 102 12.38 -13.92 -0.05
N ARG A 103 11.64 -14.98 0.31
CA ARG A 103 10.73 -15.63 -0.63
C ARG A 103 9.43 -14.86 -0.86
N ILE A 104 9.04 -14.00 0.09
CA ILE A 104 7.78 -13.27 0.01
C ILE A 104 7.79 -12.18 -1.06
N THR A 105 6.88 -12.30 -2.02
CA THR A 105 6.79 -11.34 -3.11
C THR A 105 6.09 -10.05 -2.66
N PRO A 106 6.30 -8.96 -3.42
CA PRO A 106 5.67 -7.69 -3.05
C PRO A 106 4.14 -7.73 -2.88
N LEU A 107 3.40 -8.40 -3.78
CA LEU A 107 1.94 -8.51 -3.62
C LEU A 107 1.55 -9.37 -2.40
N GLU A 108 2.36 -10.39 -2.07
CA GLU A 108 2.11 -11.18 -0.85
C GLU A 108 2.33 -10.28 0.39
N SER A 109 3.38 -9.46 0.39
CA SER A 109 3.63 -8.51 1.48
C SER A 109 2.47 -7.48 1.58
N ALA A 110 1.94 -6.97 0.44
CA ALA A 110 0.77 -6.07 0.47
C ALA A 110 -0.47 -6.77 1.08
N LEU A 111 -0.65 -8.06 0.74
CA LEU A 111 -1.78 -8.86 1.25
C LEU A 111 -1.73 -8.98 2.79
N MET A 112 -0.51 -9.18 3.35
CA MET A 112 -0.28 -9.29 4.79
C MET A 112 -0.66 -7.99 5.49
N ILE A 113 -0.25 -6.84 4.94
CA ILE A 113 -0.58 -5.55 5.52
C ILE A 113 -2.08 -5.30 5.42
N TRP A 114 -2.68 -5.64 4.26
CA TRP A 114 -4.13 -5.46 4.06
C TRP A 114 -4.95 -6.19 5.13
N GLY A 115 -4.49 -7.36 5.56
CA GLY A 115 -5.18 -8.13 6.58
C GLY A 115 -4.89 -7.69 8.01
N SER A 116 -3.98 -6.71 8.21
CA SER A 116 -3.57 -6.19 9.52
C SER A 116 -4.15 -4.83 9.85
N ILE A 117 -4.47 -4.03 8.83
CA ILE A 117 -5.06 -2.70 9.03
C ILE A 117 -6.37 -2.78 9.81
N GLU A 118 -6.53 -1.89 10.81
CA GLU A 118 -7.76 -1.82 11.62
C GLU A 118 -8.74 -1.03 10.75
N LYS A 119 -9.53 -1.75 9.96
CA LYS A 119 -10.48 -1.15 9.01
C LYS A 119 -11.68 -2.08 8.80
N GLU A 120 -12.76 -1.52 8.23
CA GLU A 120 -13.97 -2.30 7.96
C GLU A 120 -13.69 -3.37 6.92
N HIS A 121 -14.23 -4.56 7.14
CA HIS A 121 -14.14 -5.62 6.14
C HIS A 121 -15.42 -5.59 5.32
N ASP A 122 -15.56 -4.53 4.53
CA ASP A 122 -16.73 -4.39 3.67
C ASP A 122 -16.51 -5.15 2.34
N LYS A 123 -17.47 -5.09 1.40
CA LYS A 123 -17.34 -5.78 0.12
C LYS A 123 -16.08 -5.35 -0.64
N LEU A 124 -15.77 -4.05 -0.58
CA LEU A 124 -14.58 -3.50 -1.25
C LEU A 124 -13.30 -4.09 -0.67
N HIS A 125 -13.23 -4.27 0.65
CA HIS A 125 -12.04 -4.84 1.30
C HIS A 125 -11.75 -6.25 0.73
N GLU A 126 -12.81 -7.08 0.66
CA GLU A 126 -12.65 -8.45 0.18
C GLU A 126 -12.37 -8.54 -1.30
N GLU A 127 -12.99 -7.69 -2.11
CA GLU A 127 -12.69 -7.64 -3.55
C GLU A 127 -11.21 -7.28 -3.79
N ILE A 128 -10.68 -6.29 -3.05
CA ILE A 128 -9.26 -5.91 -3.18
C ILE A 128 -8.37 -7.09 -2.78
N GLN A 129 -8.71 -7.72 -1.63
CA GLN A 129 -7.99 -8.89 -1.12
C GLN A 129 -7.88 -10.01 -2.19
N ASN A 130 -9.02 -10.37 -2.81
CA ASN A 130 -9.04 -11.43 -3.81
C ASN A 130 -8.32 -11.02 -5.11
N LEU A 131 -8.40 -9.74 -5.48
CA LEU A 131 -7.67 -9.25 -6.65
C LEU A 131 -6.14 -9.31 -6.42
N ILE A 132 -5.66 -8.99 -5.20
CA ILE A 132 -4.23 -9.09 -4.91
C ILE A 132 -3.80 -10.58 -4.98
N LYS A 133 -4.62 -11.50 -4.44
CA LYS A 133 -4.30 -12.93 -4.47
C LYS A 133 -4.11 -13.45 -5.89
N ILE A 134 -5.04 -13.12 -6.80
CA ILE A 134 -4.96 -13.58 -8.18
C ILE A 134 -3.72 -12.98 -8.85
N GLN A 135 -3.51 -11.66 -8.67
CA GLN A 135 -2.37 -11.00 -9.29
C GLN A 135 -1.02 -11.43 -8.73
N ALA A 136 -0.95 -11.86 -7.47
CA ALA A 136 0.31 -12.36 -6.90
C ALA A 136 0.79 -13.59 -7.68
N ILE A 137 -0.15 -14.43 -8.12
CA ILE A 137 0.16 -15.58 -8.95
C ILE A 137 0.42 -15.11 -10.39
N ALA A 138 -0.50 -14.27 -10.95
CA ALA A 138 -0.38 -13.76 -12.32
C ALA A 138 0.98 -13.13 -12.65
N VAL A 139 1.53 -12.32 -11.73
CA VAL A 139 2.80 -11.65 -11.99
C VAL A 139 3.94 -12.68 -12.09
N CYS A 140 3.86 -13.79 -11.34
CA CYS A 140 4.91 -14.84 -11.42
C CYS A 140 4.82 -15.56 -12.77
N MET A 141 3.61 -15.87 -13.22
CA MET A 141 3.40 -16.56 -14.48
CA MET A 141 3.44 -16.56 -14.49
C MET A 141 3.88 -15.72 -15.67
N GLU A 142 3.56 -14.42 -15.65
CA GLU A 142 3.94 -13.50 -16.72
C GLU A 142 5.45 -13.34 -16.87
N ASN A 143 6.22 -13.60 -15.81
CA ASN A 143 7.68 -13.57 -15.87
C ASN A 143 8.29 -14.98 -16.15
N GLY A 144 7.46 -15.97 -16.47
CA GLY A 144 7.90 -17.34 -16.70
C GLY A 144 8.34 -18.07 -15.44
N ASN A 145 7.98 -17.54 -14.25
CA ASN A 145 8.36 -18.15 -12.98
C ASN A 145 7.23 -19.07 -12.52
N PHE A 146 7.07 -20.22 -13.20
CA PHE A 146 6.02 -21.19 -12.95
C PHE A 146 6.10 -21.88 -11.59
N LYS A 147 7.31 -22.28 -11.16
CA LYS A 147 7.49 -22.91 -9.86
C LYS A 147 7.24 -21.89 -8.74
N GLU A 148 7.66 -20.62 -8.95
CA GLU A 148 7.40 -19.58 -7.94
C GLU A 148 5.89 -19.31 -7.84
N ALA A 149 5.15 -19.33 -8.96
CA ALA A 149 3.70 -19.14 -8.93
C ALA A 149 3.01 -20.19 -8.05
N GLU A 150 3.45 -21.46 -8.17
CA GLU A 150 2.92 -22.56 -7.36
C GLU A 150 3.27 -22.38 -5.86
N GLU A 151 4.44 -21.80 -5.56
CA GLU A 151 4.87 -21.59 -4.19
C GLU A 151 4.09 -20.43 -3.55
N VAL A 152 3.84 -19.36 -4.31
CA VAL A 152 3.01 -18.23 -3.89
C VAL A 152 1.58 -18.76 -3.65
N PHE A 153 1.08 -19.61 -4.56
CA PHE A 153 -0.25 -20.25 -4.42
C PHE A 153 -0.37 -20.99 -3.09
N GLU A 154 0.63 -21.81 -2.72
CA GLU A 154 0.58 -22.58 -1.48
C GLU A 154 0.64 -21.68 -0.24
N ARG A 155 1.45 -20.60 -0.31
CA ARG A 155 1.54 -19.69 0.84
C ARG A 155 0.23 -18.94 1.05
N ILE A 156 -0.40 -18.53 -0.05
CA ILE A 156 -1.65 -17.78 0.04
C ILE A 156 -2.87 -18.66 0.33
N PHE A 157 -3.13 -19.67 -0.53
CA PHE A 157 -4.31 -20.53 -0.48
C PHE A 157 -4.19 -21.68 0.47
N GLY A 158 -4.27 -21.37 1.76
CA GLY A 158 -4.19 -22.37 2.82
N MET A 164 -12.67 -23.11 -2.64
CA MET A 164 -12.48 -24.28 -3.49
C MET A 164 -12.61 -23.98 -5.01
N PRO A 165 -13.72 -23.38 -5.53
CA PRO A 165 -13.80 -23.14 -6.98
C PRO A 165 -12.72 -22.21 -7.55
N PHE A 166 -12.48 -21.06 -6.88
CA PHE A 166 -11.49 -20.05 -7.27
C PHE A 166 -10.07 -20.63 -7.14
N LYS A 167 -9.83 -21.34 -6.04
CA LYS A 167 -8.57 -22.01 -5.74
C LYS A 167 -8.22 -23.06 -6.81
N SER A 168 -9.19 -23.88 -7.23
CA SER A 168 -8.92 -24.93 -8.22
C SER A 168 -8.66 -24.39 -9.64
N LYS A 169 -9.32 -23.27 -10.03
CA LYS A 169 -9.08 -22.67 -11.34
C LYS A 169 -7.64 -22.15 -11.39
N LEU A 170 -7.18 -21.51 -10.31
CA LEU A 170 -5.83 -20.97 -10.21
C LEU A 170 -4.78 -22.07 -10.29
N LEU A 171 -4.96 -23.19 -9.57
CA LEU A 171 -3.98 -24.29 -9.64
C LEU A 171 -3.93 -24.88 -11.06
N MET A 172 -5.09 -24.97 -11.74
N MET A 172 -5.10 -24.96 -11.74
CA MET A 172 -5.13 -25.51 -13.10
CA MET A 172 -5.18 -25.47 -13.11
C MET A 172 -4.35 -24.60 -14.06
C MET A 172 -4.40 -24.59 -14.08
N ILE A 173 -4.54 -23.26 -13.94
CA ILE A 173 -3.83 -22.30 -14.79
C ILE A 173 -2.30 -22.40 -14.57
N ILE A 174 -1.87 -22.54 -13.32
CA ILE A 174 -0.44 -22.67 -13.02
C ILE A 174 0.16 -23.94 -13.65
N SER A 175 -0.54 -25.07 -13.53
CA SER A 175 -0.07 -26.36 -14.04
C SER A 175 0.01 -26.40 -15.58
N GLN A 176 -0.90 -25.68 -16.23
CA GLN A 176 -0.90 -25.59 -17.70
C GLN A 176 0.13 -24.57 -18.21
N LYS A 177 0.71 -23.74 -17.34
CA LYS A 177 1.61 -22.64 -17.71
C LYS A 177 0.88 -21.66 -18.65
N ASP A 178 -0.43 -21.47 -18.42
CA ASP A 178 -1.26 -20.60 -19.24
C ASP A 178 -1.08 -19.15 -18.79
N THR A 179 0.09 -18.58 -19.12
CA THR A 179 0.47 -17.21 -18.77
C THR A 179 -0.60 -16.17 -19.13
N PHE A 180 -0.97 -16.07 -20.41
CA PHE A 180 -1.95 -15.09 -20.86
C PHE A 180 -3.37 -15.65 -20.85
N HIS A 181 -3.72 -16.41 -19.81
CA HIS A 181 -5.06 -16.96 -19.66
C HIS A 181 -6.08 -15.82 -19.55
N SER A 182 -7.27 -16.01 -20.11
CA SER A 182 -8.31 -14.98 -20.05
C SER A 182 -8.80 -14.71 -18.62
N PHE A 183 -8.57 -15.61 -17.66
CA PHE A 183 -8.97 -15.40 -16.27
C PHE A 183 -8.23 -14.19 -15.70
N PHE A 184 -6.93 -14.07 -16.02
CA PHE A 184 -6.11 -12.94 -15.59
C PHE A 184 -6.47 -11.63 -16.33
N GLN A 185 -7.18 -11.71 -17.46
CA GLN A 185 -7.65 -10.53 -18.18
C GLN A 185 -8.99 -10.02 -17.60
N HIS A 186 -9.77 -10.90 -16.97
CA HIS A 186 -11.04 -10.56 -16.35
C HIS A 186 -10.80 -10.00 -14.94
N PHE A 187 -9.81 -10.54 -14.21
CA PHE A 187 -9.47 -10.04 -12.88
C PHE A 187 -8.04 -9.54 -12.97
N SER A 188 -7.86 -8.51 -13.81
CA SER A 188 -6.58 -7.93 -14.21
C SER A 188 -5.86 -7.07 -13.17
N TYR A 189 -4.58 -6.75 -13.46
CA TYR A 189 -3.76 -5.87 -12.65
C TYR A 189 -4.39 -4.46 -12.63
N ASN A 190 -4.94 -4.02 -13.80
CA ASN A 190 -5.61 -2.73 -13.94
C ASN A 190 -6.83 -2.67 -13.04
N HIS A 191 -7.63 -3.76 -13.02
CA HIS A 191 -8.82 -3.85 -12.19
CA HIS A 191 -8.83 -3.88 -12.20
C HIS A 191 -8.46 -3.78 -10.72
N MET A 192 -7.34 -4.42 -10.33
CA MET A 192 -6.86 -4.37 -8.94
C MET A 192 -6.49 -2.92 -8.59
N MET A 193 -5.70 -2.26 -9.46
CA MET A 193 -5.31 -0.85 -9.24
C MET A 193 -6.53 0.08 -9.13
N GLU A 194 -7.54 -0.10 -9.99
CA GLU A 194 -8.73 0.75 -9.94
C GLU A 194 -9.51 0.57 -8.63
N LYS A 195 -9.64 -0.69 -8.17
CA LYS A 195 -10.34 -0.93 -6.90
C LYS A 195 -9.56 -0.32 -5.74
N ILE A 196 -8.22 -0.45 -5.77
CA ILE A 196 -7.39 0.15 -4.73
C ILE A 196 -7.50 1.66 -4.75
N LYS A 197 -7.55 2.27 -5.94
CA LYS A 197 -7.75 3.72 -6.10
C LYS A 197 -9.08 4.19 -5.53
N SER A 198 -10.14 3.37 -5.61
CA SER A 198 -11.42 3.72 -4.98
C SER A 198 -11.24 3.84 -3.45
N TYR A 199 -10.46 2.90 -2.85
CA TYR A 199 -10.18 2.91 -1.40
C TYR A 199 -9.32 4.14 -1.02
N VAL A 200 -8.32 4.42 -1.87
CA VAL A 200 -7.44 5.57 -1.68
C VAL A 200 -8.24 6.89 -1.66
N ASN A 201 -9.27 6.99 -2.50
CA ASN A 201 -10.14 8.19 -2.50
C ASN A 201 -10.78 8.43 -1.13
N TYR A 202 -11.15 7.35 -0.44
CA TYR A 202 -11.75 7.45 0.89
C TYR A 202 -10.70 7.90 1.92
N VAL A 203 -9.45 7.38 1.84
CA VAL A 203 -8.36 7.81 2.72
C VAL A 203 -8.09 9.32 2.47
N LEU A 204 -8.07 9.72 1.18
CA LEU A 204 -7.87 11.12 0.82
C LEU A 204 -8.91 12.03 1.45
N SER A 205 -10.21 11.66 1.40
N SER A 205 -10.20 11.65 1.39
CA SER A 205 -11.25 12.52 1.98
CA SER A 205 -11.26 12.47 1.97
C SER A 205 -11.17 12.57 3.51
C SER A 205 -11.07 12.59 3.49
N GLU A 206 -10.74 11.48 4.14
CA GLU A 206 -10.55 11.39 5.60
C GLU A 206 -9.35 12.18 6.11
N LYS A 207 -8.22 12.18 5.39
CA LYS A 207 -7.01 12.90 5.81
C LYS A 207 -6.87 14.31 5.24
N SER A 208 -7.78 14.76 4.37
CA SER A 208 -7.69 16.12 3.83
C SER A 208 -7.85 17.20 4.93
N SER A 209 -8.46 16.85 6.06
CA SER A 209 -8.67 17.78 7.16
CA SER A 209 -8.65 17.81 7.15
C SER A 209 -7.54 17.77 8.21
N THR A 210 -6.48 16.98 8.02
CA THR A 210 -5.38 16.93 9.00
C THR A 210 -4.65 18.31 9.04
N PHE A 211 -4.08 18.64 10.21
CA PHE A 211 -3.48 19.94 10.52
C PHE A 211 -2.65 20.59 9.41
N LEU A 212 -1.56 19.94 9.00
CA LEU A 212 -0.64 20.55 8.04
C LEU A 212 -1.27 20.90 6.70
N MET A 213 -2.06 19.98 6.11
CA MET A 213 -2.73 20.25 4.83
C MET A 213 -3.75 21.37 4.99
N LYS A 214 -4.56 21.35 6.05
CA LYS A 214 -5.55 22.41 6.29
C LYS A 214 -4.92 23.79 6.38
N ALA A 215 -3.83 23.90 7.16
CA ALA A 215 -3.15 25.17 7.35
C ALA A 215 -2.51 25.65 6.04
N ALA A 216 -1.90 24.72 5.28
CA ALA A 216 -1.28 25.04 3.98
C ALA A 216 -2.36 25.45 2.97
N ALA A 217 -3.52 24.77 2.97
CA ALA A 217 -4.63 25.15 2.06
C ALA A 217 -5.15 26.54 2.37
N LYS A 218 -5.24 26.88 3.66
CA LYS A 218 -5.71 28.20 4.08
C LYS A 218 -4.74 29.30 3.59
N VAL A 219 -3.43 29.04 3.62
CA VAL A 219 -2.42 29.99 3.12
C VAL A 219 -2.62 30.22 1.60
N VAL A 220 -2.76 29.14 0.83
CA VAL A 220 -2.91 29.26 -0.63
C VAL A 220 -4.21 30.02 -0.98
N GLU A 221 -5.30 29.68 -0.30
CA GLU A 221 -6.60 30.33 -0.51
C GLU A 221 -6.54 31.82 -0.20
N SER A 222 -5.87 32.19 0.89
CA SER A 222 -5.76 33.60 1.28
C SER A 222 -4.98 34.46 0.28
N LYS A 223 -4.18 33.83 -0.59
CA LYS A 223 -3.41 34.52 -1.63
C LYS A 223 -4.15 34.60 -2.99
N ARG A 224 -5.38 34.07 -3.07
CA ARG A 224 -6.16 34.06 -4.32
C ARG A 224 -7.07 35.29 -4.47
N1 W1P B . 8.42 1.14 2.81
C4 W1P B . 7.68 2.25 3.30
C5 W1P B . 7.21 3.20 2.43
C6 W1P B . 6.49 4.28 2.91
C7 W1P B . 6.25 4.41 4.26
C8 W1P B . 6.73 3.46 5.13
O W1P B . 7.95 -0.58 4.30
C2 W1P B . 8.53 -0.13 3.33
C3 W1P B . 9.54 -0.85 2.48
C1 W1P B . 9.85 0.21 1.46
C W1P B . 10.83 0.03 0.36
N W1P B . 9.18 1.29 1.63
C9 W1P B . 7.45 2.37 4.66
C1 EDO C . 10.17 -11.89 -4.46
O1 EDO C . 10.33 -13.28 -4.60
C2 EDO C . 11.02 -11.39 -3.34
O2 EDO C . 12.39 -11.59 -3.68
S DMS D . 10.71 -0.46 -4.32
O DMS D . 10.14 0.20 -3.09
C1 DMS D . 11.93 -1.68 -3.79
C2 DMS D . 11.90 0.71 -5.05
C1 EDO E . 6.45 3.95 2.70
O1 EDO E . 7.41 2.90 2.56
C2 EDO E . 6.60 4.59 4.07
O2 EDO E . 6.41 3.59 5.08
C1 EDO F . -6.99 -7.11 11.90
O1 EDO F . -6.41 -8.38 11.65
C2 EDO F . -8.37 -7.07 11.30
O2 EDO F . -8.81 -5.72 11.25
CA CA G . 12.56 -12.65 -6.46
#